data_3Q2D
#
_entry.id   3Q2D
#
_cell.length_a   48.837
_cell.length_b   41.307
_cell.length_c   138.781
_cell.angle_alpha   90.00
_cell.angle_beta   95.36
_cell.angle_gamma   90.00
#
_symmetry.space_group_name_H-M   'P 1 21 1'
#
loop_
_entity.id
_entity.type
_entity.pdbx_description
1 polymer 'Deoxyribose phosphate aldolase'
2 non-polymer 5-nitro-1H-benzotriazole
3 water water
#
_entity_poly.entity_id   1
_entity_poly.type   'polypeptide(L)'
_entity_poly.pdbx_seq_one_letter_code
;MATDLKASSLRALKLMHLATSANDDDTDENVIALCHQAKTPVGNTDAIFIYPRFIPIARKTLKEQGTPEIRICTSTNFPH
GNDDIDIALAETRAAIAYGADSVAVVFPYRALMAGNEQVGFDLVKACKEACAAANVLLAVIIETGELKDEALIRKASEIS
IKAGADNIVTSTGKVAVGATPESARIMMEVIRDMGVEKTVGFIPVGGVRTAEDAQKYLAIADELFGADWADARHYAFGAS
ASLLASLLKALGHGDGKSASSYGSLEHHHHHH
;
_entity_poly.pdbx_strand_id   A,B
#
loop_
_chem_comp.id
_chem_comp.type
_chem_comp.name
_chem_comp.formula
3NY non-polymer 5-nitro-1H-benzotriazole 'C6 H4 N4 O2'
#
# COMPACT_ATOMS: atom_id res chain seq x y z
N THR A 3 -14.36 29.97 -25.59
CA THR A 3 -14.38 28.73 -26.41
C THR A 3 -13.04 28.36 -27.06
N ASP A 4 -12.01 29.15 -26.88
CA ASP A 4 -10.69 28.55 -26.99
C ASP A 4 -10.25 28.12 -25.62
N LEU A 5 -10.38 29.04 -24.69
CA LEU A 5 -10.08 28.74 -23.31
C LEU A 5 -11.12 27.88 -22.62
N LYS A 6 -12.34 27.95 -23.09
CA LYS A 6 -13.39 27.11 -22.50
C LYS A 6 -13.25 25.67 -23.01
N ALA A 7 -13.03 25.54 -24.31
CA ALA A 7 -12.73 24.26 -24.96
C ALA A 7 -11.52 23.50 -24.40
N SER A 8 -10.42 24.23 -24.14
CA SER A 8 -9.24 23.54 -23.71
C SER A 8 -9.35 23.29 -22.19
N SER A 9 -10.10 24.13 -21.48
CA SER A 9 -10.33 23.87 -20.06
C SER A 9 -11.17 22.57 -19.86
N LEU A 10 -12.30 22.45 -20.54
CA LEU A 10 -13.00 21.19 -20.54
C LEU A 10 -12.07 20.07 -20.85
N ARG A 11 -11.33 20.21 -21.97
CA ARG A 11 -10.50 19.03 -22.43
C ARG A 11 -9.38 18.72 -21.43
N ALA A 12 -8.82 19.75 -20.79
CA ALA A 12 -7.78 19.49 -19.77
C ALA A 12 -8.37 18.82 -18.52
N LEU A 13 -9.50 19.36 -18.03
CA LEU A 13 -10.15 18.76 -16.85
C LEU A 13 -10.33 17.27 -17.13
N LYS A 14 -10.79 16.88 -18.32
CA LYS A 14 -11.00 15.46 -18.59
C LYS A 14 -9.70 14.67 -18.73
N LEU A 15 -8.55 15.37 -18.78
CA LEU A 15 -7.23 14.72 -18.83
C LEU A 15 -6.57 14.60 -17.44
N MET A 16 -7.18 15.22 -16.46
CA MET A 16 -6.61 15.28 -15.14
C MET A 16 -6.42 13.94 -14.44
N HIS A 17 -5.28 13.81 -13.77
CA HIS A 17 -5.07 12.81 -12.73
C HIS A 17 -5.05 13.56 -11.42
N LEU A 18 -6.22 13.64 -10.81
CA LEU A 18 -6.46 14.46 -9.62
C LEU A 18 -5.78 13.83 -8.37
N ALA A 19 -4.89 14.56 -7.69
CA ALA A 19 -4.33 14.18 -6.36
C ALA A 19 -4.74 15.09 -5.21
N THR A 20 -4.62 14.58 -3.99
CA THR A 20 -4.71 15.34 -2.70
C THR A 20 -3.99 16.73 -2.68
N SER A 21 -4.39 17.65 -1.80
CA SER A 21 -3.58 18.81 -1.30
C SER A 21 -4.25 20.18 -1.30
N ASP A 26 -2.65 12.27 2.39
CA ASP A 26 -3.67 11.19 2.22
C ASP A 26 -4.12 10.54 3.57
N THR A 27 -5.42 10.62 3.87
CA THR A 27 -6.14 9.78 4.88
C THR A 27 -7.40 9.23 4.22
N ASP A 28 -8.08 8.30 4.87
CA ASP A 28 -9.27 7.67 4.28
C ASP A 28 -10.35 8.72 3.90
N GLU A 29 -10.47 9.79 4.68
CA GLU A 29 -11.58 10.73 4.54
C GLU A 29 -11.32 11.75 3.38
N ASN A 30 -10.03 12.06 3.24
CA ASN A 30 -9.50 12.78 2.12
C ASN A 30 -9.49 12.03 0.76
N VAL A 31 -9.35 10.72 0.77
CA VAL A 31 -9.42 9.96 -0.46
C VAL A 31 -10.82 10.03 -0.95
N ILE A 32 -11.77 9.85 0.00
CA ILE A 32 -13.18 9.92 -0.25
C ILE A 32 -13.57 11.28 -0.87
N ALA A 33 -13.31 12.39 -0.19
CA ALA A 33 -13.57 13.72 -0.72
C ALA A 33 -12.93 13.92 -2.10
N LEU A 34 -11.78 13.25 -2.31
CA LEU A 34 -11.05 13.38 -3.57
C LEU A 34 -11.89 12.82 -4.67
N CYS A 35 -12.44 11.60 -4.45
CA CYS A 35 -13.25 10.93 -5.46
C CYS A 35 -14.48 11.79 -5.80
N HIS A 36 -15.05 12.42 -4.77
CA HIS A 36 -16.20 13.30 -4.97
C HIS A 36 -15.75 14.51 -5.75
N GLN A 37 -14.62 15.12 -5.36
CA GLN A 37 -13.99 16.24 -6.10
C GLN A 37 -13.79 15.99 -7.58
N ALA A 38 -13.62 14.72 -7.99
CA ALA A 38 -13.27 14.31 -9.34
C ALA A 38 -14.45 14.17 -10.31
N LYS A 39 -15.66 14.07 -9.75
CA LYS A 39 -16.98 14.01 -10.46
C LYS A 39 -17.50 15.45 -10.41
N THR A 40 -17.28 16.23 -11.46
CA THR A 40 -17.67 17.63 -11.45
C THR A 40 -18.94 17.81 -12.24
N PRO A 41 -19.51 19.02 -12.23
CA PRO A 41 -20.73 19.29 -13.03
C PRO A 41 -20.55 19.40 -14.55
N VAL A 42 -19.32 19.58 -15.05
CA VAL A 42 -19.09 19.60 -16.51
C VAL A 42 -18.49 18.25 -16.90
N GLY A 43 -18.30 17.37 -15.91
CA GLY A 43 -17.79 16.03 -16.23
C GLY A 43 -16.74 15.60 -15.20
N ASN A 44 -16.15 14.43 -15.49
CA ASN A 44 -15.17 13.69 -14.65
C ASN A 44 -13.70 13.85 -15.10
N THR A 45 -12.76 14.04 -14.15
CA THR A 45 -11.37 13.88 -14.48
C THR A 45 -11.17 12.44 -15.02
N ASP A 46 -10.04 12.17 -15.65
CA ASP A 46 -9.79 10.85 -16.16
C ASP A 46 -9.49 9.87 -15.01
N ALA A 47 -8.98 10.38 -13.90
CA ALA A 47 -8.42 9.49 -12.87
C ALA A 47 -8.18 10.25 -11.64
N ILE A 48 -7.93 9.50 -10.57
CA ILE A 48 -7.35 10.08 -9.40
C ILE A 48 -5.95 9.50 -9.20
N PHE A 49 -5.20 10.19 -8.38
CA PHE A 49 -3.87 9.71 -8.11
C PHE A 49 -3.64 9.65 -6.60
N ILE A 50 -3.47 8.43 -6.10
CA ILE A 50 -3.35 8.24 -4.63
C ILE A 50 -2.35 7.18 -4.16
N TYR A 51 -2.12 7.12 -2.86
CA TYR A 51 -1.27 6.11 -2.32
C TYR A 51 -1.86 4.71 -2.49
N PRO A 52 -1.03 3.70 -2.79
CA PRO A 52 -1.66 2.42 -3.06
C PRO A 52 -2.62 1.91 -1.94
N ARG A 53 -2.29 2.12 -0.66
CA ARG A 53 -3.14 1.50 0.40
C ARG A 53 -4.59 1.98 0.24
N PHE A 54 -4.77 3.17 -0.36
CA PHE A 54 -6.10 3.78 -0.39
C PHE A 54 -6.92 3.39 -1.60
N ILE A 55 -6.37 2.52 -2.45
CA ILE A 55 -7.04 2.09 -3.64
C ILE A 55 -8.38 1.36 -3.44
N PRO A 56 -8.48 0.41 -2.48
CA PRO A 56 -9.77 -0.30 -2.27
C PRO A 56 -10.83 0.70 -1.83
N ILE A 57 -10.51 1.60 -0.92
CA ILE A 57 -11.57 2.45 -0.49
C ILE A 57 -12.07 3.39 -1.60
N ALA A 58 -11.10 3.91 -2.37
CA ALA A 58 -11.38 4.81 -3.49
C ALA A 58 -12.16 4.05 -4.52
N ARG A 59 -11.75 2.84 -4.85
CA ARG A 59 -12.51 2.14 -5.88
C ARG A 59 -13.98 2.09 -5.51
N LYS A 60 -14.26 1.92 -4.20
CA LYS A 60 -15.65 1.75 -3.75
C LYS A 60 -16.41 3.03 -3.89
N THR A 61 -15.85 4.12 -3.35
CA THR A 61 -16.43 5.46 -3.35
C THR A 61 -16.80 5.83 -4.79
N LEU A 62 -15.87 5.56 -5.70
CA LEU A 62 -16.04 5.86 -7.14
C LEU A 62 -17.15 5.03 -7.71
N LYS A 63 -17.20 3.74 -7.35
CA LYS A 63 -18.32 2.90 -7.82
C LYS A 63 -19.64 3.42 -7.21
N GLU A 64 -19.64 3.69 -5.92
CA GLU A 64 -20.92 4.07 -5.33
C GLU A 64 -21.53 5.34 -5.93
N GLN A 65 -20.68 6.25 -6.39
CA GLN A 65 -21.14 7.57 -6.80
C GLN A 65 -21.54 7.68 -8.26
N GLY A 66 -21.54 6.55 -8.96
CA GLY A 66 -21.88 6.51 -10.39
C GLY A 66 -20.69 6.71 -11.34
N THR A 67 -19.45 6.56 -10.88
CA THR A 67 -18.34 6.87 -11.79
C THR A 67 -17.26 5.82 -11.80
N PRO A 68 -17.59 4.57 -12.22
CA PRO A 68 -16.62 3.44 -12.18
C PRO A 68 -15.53 3.64 -13.16
N GLU A 69 -15.76 4.53 -14.13
CA GLU A 69 -14.84 4.71 -15.26
C GLU A 69 -13.66 5.64 -14.95
N ILE A 70 -13.75 6.38 -13.83
CA ILE A 70 -12.63 7.14 -13.33
C ILE A 70 -11.54 6.16 -12.86
N ARG A 71 -10.35 6.38 -13.36
CA ARG A 71 -9.28 5.48 -13.15
C ARG A 71 -8.57 5.81 -11.87
N ILE A 72 -7.85 4.81 -11.40
CA ILE A 72 -7.07 5.02 -10.15
C ILE A 72 -5.60 4.78 -10.42
N CYS A 73 -4.80 5.82 -10.24
CA CYS A 73 -3.39 5.75 -10.55
C CYS A 73 -2.65 5.82 -9.23
N THR A 74 -1.46 5.20 -9.14
CA THR A 74 -0.74 5.21 -7.90
C THR A 74 0.80 5.17 -8.13
N SER A 75 1.59 5.16 -7.08
CA SER A 75 3.03 5.36 -7.23
C SER A 75 3.77 4.32 -6.43
N THR A 76 4.98 3.97 -6.91
CA THR A 76 5.90 3.02 -6.26
C THR A 76 7.34 3.55 -6.42
N ASN A 77 8.28 3.03 -5.59
CA ASN A 77 9.65 3.54 -5.44
C ASN A 77 9.62 5.03 -5.16
N PHE A 78 8.59 5.47 -4.42
CA PHE A 78 8.12 6.87 -4.44
C PHE A 78 8.23 7.38 -3.04
N PRO A 79 8.69 8.64 -2.82
CA PRO A 79 9.06 9.57 -3.84
C PRO A 79 10.56 9.54 -4.18
N HIS A 80 11.32 8.66 -3.53
CA HIS A 80 12.80 8.78 -3.59
C HIS A 80 13.50 8.28 -4.83
N GLY A 81 12.93 7.28 -5.46
CA GLY A 81 13.54 6.71 -6.64
C GLY A 81 14.90 6.16 -6.30
N ASN A 82 14.96 5.41 -5.23
CA ASN A 82 16.14 4.60 -4.92
C ASN A 82 16.38 3.58 -6.01
N ASP A 83 17.54 2.93 -5.97
CA ASP A 83 17.99 1.95 -6.98
C ASP A 83 17.92 0.50 -6.55
N ASP A 84 17.10 0.19 -5.55
CA ASP A 84 16.85 -1.23 -5.22
C ASP A 84 15.68 -1.70 -6.07
N ILE A 85 15.93 -2.66 -6.94
CA ILE A 85 14.95 -3.17 -7.84
C ILE A 85 13.88 -4.03 -7.13
N ASP A 86 14.33 -4.88 -6.21
CA ASP A 86 13.49 -5.76 -5.40
C ASP A 86 12.36 -4.99 -4.74
N ILE A 87 12.68 -3.88 -4.10
CA ILE A 87 11.77 -3.02 -3.35
C ILE A 87 10.84 -2.35 -4.31
N ALA A 88 11.40 -1.83 -5.43
CA ALA A 88 10.58 -1.11 -6.37
C ALA A 88 9.60 -2.10 -7.00
N LEU A 89 10.11 -3.27 -7.37
CA LEU A 89 9.22 -4.33 -7.88
C LEU A 89 8.12 -4.90 -6.90
N ALA A 90 8.47 -5.18 -5.63
CA ALA A 90 7.51 -5.77 -4.72
C ALA A 90 6.41 -4.72 -4.53
N GLU A 91 6.78 -3.45 -4.44
CA GLU A 91 5.82 -2.35 -4.28
C GLU A 91 4.82 -2.28 -5.43
N THR A 92 5.32 -2.61 -6.61
CA THR A 92 4.60 -2.50 -7.83
C THR A 92 3.65 -3.66 -7.85
N ARG A 93 4.14 -4.80 -7.41
CA ARG A 93 3.31 -5.98 -7.35
C ARG A 93 2.13 -5.81 -6.42
N ALA A 94 2.29 -4.96 -5.38
CA ALA A 94 1.24 -4.78 -4.40
C ALA A 94 0.23 -3.76 -4.90
N ALA A 95 0.75 -2.71 -5.52
CA ALA A 95 -0.07 -1.73 -6.24
C ALA A 95 -1.05 -2.45 -7.16
N ILE A 96 -0.52 -3.42 -7.91
CA ILE A 96 -1.31 -4.18 -8.83
C ILE A 96 -2.35 -4.95 -8.00
N ALA A 97 -1.89 -5.63 -6.95
CA ALA A 97 -2.82 -6.45 -6.12
C ALA A 97 -3.90 -5.60 -5.47
N TYR A 98 -3.54 -4.39 -4.98
CA TYR A 98 -4.59 -3.50 -4.48
C TYR A 98 -5.75 -3.19 -5.46
N GLY A 99 -5.49 -3.17 -6.77
CA GLY A 99 -6.52 -2.70 -7.74
C GLY A 99 -6.11 -1.61 -8.74
N ALA A 100 -4.84 -1.15 -8.71
CA ALA A 100 -4.44 -0.02 -9.57
C ALA A 100 -4.71 -0.23 -11.07
N ASP A 101 -5.15 0.83 -11.76
CA ASP A 101 -5.16 0.85 -13.24
C ASP A 101 -3.80 1.29 -13.78
N SER A 102 -3.10 2.16 -13.05
CA SER A 102 -1.74 2.56 -13.46
C SER A 102 -0.79 2.65 -12.25
N VAL A 103 0.49 2.36 -12.45
CA VAL A 103 1.49 2.45 -11.43
C VAL A 103 2.56 3.35 -11.97
N ALA A 104 2.78 4.47 -11.29
CA ALA A 104 3.87 5.36 -11.60
C ALA A 104 5.06 5.04 -10.71
N VAL A 105 6.07 4.40 -11.30
CA VAL A 105 7.34 4.05 -10.61
C VAL A 105 8.36 5.18 -10.75
N VAL A 106 9.06 5.52 -9.66
CA VAL A 106 10.04 6.60 -9.78
C VAL A 106 11.30 5.97 -10.33
N PHE A 107 11.79 6.53 -11.46
CA PHE A 107 13.12 6.22 -11.99
C PHE A 107 14.29 6.44 -10.97
N PRO A 108 15.31 5.54 -10.99
CA PRO A 108 16.44 5.81 -10.09
C PRO A 108 17.34 6.88 -10.69
N TYR A 109 16.92 8.11 -10.46
CA TYR A 109 17.52 9.21 -11.14
C TYR A 109 18.85 9.56 -10.50
N ARG A 110 18.98 9.35 -9.17
CA ARG A 110 20.29 9.58 -8.53
C ARG A 110 21.32 8.61 -9.07
N ALA A 111 20.94 7.33 -9.28
CA ALA A 111 21.88 6.42 -9.90
C ALA A 111 22.30 6.92 -11.32
N LEU A 112 21.39 7.50 -12.11
CA LEU A 112 21.77 7.97 -13.45
C LEU A 112 22.71 9.13 -13.29
N MET A 113 22.40 10.04 -12.36
CA MET A 113 23.31 11.13 -12.15
C MET A 113 24.72 10.66 -11.72
N ALA A 114 24.85 9.41 -11.24
CA ALA A 114 26.20 8.96 -10.83
C ALA A 114 26.76 8.02 -11.85
N GLY A 115 26.12 8.02 -13.03
CA GLY A 115 26.67 7.39 -14.23
C GLY A 115 26.15 5.99 -14.49
N ASN A 116 25.20 5.54 -13.71
CA ASN A 116 24.63 4.21 -13.93
C ASN A 116 23.22 4.31 -14.59
N GLU A 117 23.22 4.01 -15.88
CA GLU A 117 22.07 3.90 -16.74
C GLU A 117 21.45 2.48 -16.67
N GLN A 118 22.20 1.49 -16.17
CA GLN A 118 21.70 0.15 -16.41
C GLN A 118 20.60 -0.16 -15.41
N VAL A 119 20.78 0.36 -14.20
CA VAL A 119 19.87 0.06 -13.12
C VAL A 119 18.46 0.68 -13.47
N GLY A 120 18.45 1.94 -13.95
CA GLY A 120 17.20 2.54 -14.48
C GLY A 120 16.54 1.63 -15.47
N PHE A 121 17.34 1.06 -16.34
CA PHE A 121 16.75 0.23 -17.37
C PHE A 121 16.14 -1.03 -16.78
N ASP A 122 16.85 -1.70 -15.87
CA ASP A 122 16.39 -3.01 -15.38
C ASP A 122 15.23 -2.88 -14.42
N LEU A 123 15.21 -1.77 -13.69
CA LEU A 123 14.19 -1.50 -12.69
C LEU A 123 12.90 -1.25 -13.44
N VAL A 124 12.92 -0.39 -14.48
CA VAL A 124 11.70 0.03 -15.19
C VAL A 124 11.15 -1.19 -15.82
N LYS A 125 12.06 -1.97 -16.37
CA LYS A 125 11.69 -3.14 -17.11
C LYS A 125 11.14 -4.21 -16.14
N ALA A 126 11.75 -4.35 -14.98
CA ALA A 126 11.20 -5.35 -14.04
C ALA A 126 9.71 -5.02 -13.75
N CYS A 127 9.43 -3.75 -13.55
CA CYS A 127 8.11 -3.29 -13.16
C CYS A 127 7.14 -3.33 -14.31
N LYS A 128 7.63 -3.09 -15.50
CA LYS A 128 6.79 -3.23 -16.66
C LYS A 128 6.33 -4.62 -16.93
N GLU A 129 7.19 -5.59 -16.69
CA GLU A 129 6.77 -6.93 -17.04
C GLU A 129 5.55 -7.30 -16.16
N ALA A 130 5.54 -6.79 -14.92
CA ALA A 130 4.55 -7.23 -13.94
C ALA A 130 3.28 -6.47 -14.21
N CYS A 131 3.40 -5.16 -14.47
CA CYS A 131 2.25 -4.39 -14.93
C CYS A 131 1.60 -4.97 -16.19
N ALA A 132 2.43 -5.23 -17.18
CA ALA A 132 1.93 -5.76 -18.47
C ALA A 132 1.15 -7.05 -18.26
N ALA A 133 1.78 -8.00 -17.56
CA ALA A 133 1.11 -9.25 -17.20
C ALA A 133 -0.29 -9.00 -16.61
N ALA A 134 -0.49 -7.86 -16.01
CA ALA A 134 -1.74 -7.61 -15.31
C ALA A 134 -2.59 -6.52 -15.93
N ASN A 135 -2.27 -6.17 -17.18
CA ASN A 135 -2.94 -5.13 -17.90
C ASN A 135 -2.96 -3.81 -17.09
N VAL A 136 -1.88 -3.52 -16.38
CA VAL A 136 -1.82 -2.25 -15.66
C VAL A 136 -0.81 -1.35 -16.42
N LEU A 137 -1.07 -0.04 -16.56
CA LEU A 137 -0.09 0.79 -17.30
C LEU A 137 1.12 1.00 -16.41
N LEU A 138 2.33 1.10 -16.97
CA LEU A 138 3.47 1.53 -16.15
C LEU A 138 3.93 2.90 -16.60
N ALA A 139 3.80 3.89 -15.72
CA ALA A 139 4.28 5.22 -15.97
C ALA A 139 5.66 5.34 -15.27
N VAL A 140 6.58 6.15 -15.81
CA VAL A 140 7.89 6.34 -15.18
C VAL A 140 8.11 7.85 -14.87
N ILE A 141 8.33 8.18 -13.59
CA ILE A 141 8.63 9.53 -13.14
C ILE A 141 10.18 9.63 -13.07
N ILE A 142 10.73 10.59 -13.79
CA ILE A 142 12.17 10.73 -13.94
C ILE A 142 12.70 11.89 -13.09
N GLU A 143 11.79 12.74 -12.65
CA GLU A 143 12.13 13.78 -11.68
C GLU A 143 13.00 14.80 -12.33
N THR A 144 12.44 15.46 -13.33
CA THR A 144 13.17 16.45 -14.10
C THR A 144 13.80 17.49 -13.22
N GLY A 145 13.11 17.90 -12.17
CA GLY A 145 13.65 18.97 -11.33
C GLY A 145 14.88 18.51 -10.50
N GLU A 146 15.16 17.22 -10.44
CA GLU A 146 16.43 16.86 -9.82
C GLU A 146 17.47 16.52 -10.88
N LEU A 147 17.02 16.02 -12.03
CA LEU A 147 17.93 15.73 -13.12
C LEU A 147 18.52 17.03 -13.64
N LYS A 148 17.67 18.05 -13.77
CA LYS A 148 18.09 19.41 -14.12
C LYS A 148 18.67 19.68 -15.56
N ASP A 149 19.70 18.92 -15.97
CA ASP A 149 20.33 19.01 -17.32
C ASP A 149 19.44 18.45 -18.41
N GLU A 150 19.37 19.15 -19.52
CA GLU A 150 18.66 18.64 -20.70
C GLU A 150 19.13 17.24 -21.08
N ALA A 151 20.46 17.04 -20.97
CA ALA A 151 21.08 15.76 -21.36
C ALA A 151 20.60 14.59 -20.52
N LEU A 152 20.42 14.86 -19.24
CA LEU A 152 19.98 13.81 -18.32
C LEU A 152 18.47 13.57 -18.44
N ILE A 153 17.72 14.66 -18.61
CA ILE A 153 16.22 14.56 -18.87
C ILE A 153 15.98 13.70 -20.09
N ARG A 154 16.71 13.96 -21.18
CA ARG A 154 16.64 13.16 -22.37
C ARG A 154 16.99 11.68 -22.15
N LYS A 155 18.09 11.42 -21.47
CA LYS A 155 18.60 10.07 -21.23
C LYS A 155 17.68 9.24 -20.30
N ALA A 156 17.25 9.87 -19.19
CA ALA A 156 16.22 9.18 -18.36
C ALA A 156 14.98 8.81 -19.19
N SER A 157 14.55 9.74 -20.06
CA SER A 157 13.38 9.51 -20.84
C SER A 157 13.64 8.35 -21.77
N GLU A 158 14.83 8.28 -22.45
CA GLU A 158 15.04 7.27 -23.45
C GLU A 158 15.12 5.92 -22.80
N ILE A 159 15.87 5.82 -21.71
CA ILE A 159 16.06 4.56 -21.02
C ILE A 159 14.70 4.03 -20.52
N SER A 160 13.90 4.91 -19.95
CA SER A 160 12.53 4.49 -19.53
C SER A 160 11.75 3.88 -20.69
N ILE A 161 11.73 4.58 -21.84
CA ILE A 161 11.10 4.07 -23.06
C ILE A 161 11.75 2.79 -23.56
N LYS A 162 13.07 2.74 -23.65
CA LYS A 162 13.68 1.47 -24.06
C LYS A 162 13.24 0.23 -23.13
N ALA A 163 13.12 0.52 -21.85
CA ALA A 163 12.65 -0.44 -20.84
C ALA A 163 11.12 -0.65 -20.79
N GLY A 164 10.35 0.05 -21.64
CA GLY A 164 8.92 -0.21 -21.78
C GLY A 164 7.99 0.78 -21.08
N ALA A 165 8.44 1.99 -20.69
CA ALA A 165 7.48 2.91 -20.06
C ALA A 165 6.28 3.13 -21.01
N ASP A 166 5.04 3.07 -20.51
CA ASP A 166 3.81 3.38 -21.30
C ASP A 166 3.57 4.88 -21.18
N ASN A 167 4.10 5.48 -20.13
CA ASN A 167 4.02 6.93 -19.96
C ASN A 167 5.27 7.47 -19.30
N ILE A 168 5.71 8.69 -19.67
CA ILE A 168 6.77 9.36 -18.93
C ILE A 168 6.28 10.62 -18.24
N VAL A 169 6.79 10.89 -17.05
CA VAL A 169 6.20 11.87 -16.18
C VAL A 169 7.31 12.76 -15.68
N THR A 170 7.06 14.07 -15.71
CA THR A 170 8.07 15.00 -15.21
C THR A 170 8.54 14.76 -13.76
N SER A 171 7.64 14.53 -12.83
CA SER A 171 7.93 14.82 -11.46
C SER A 171 7.13 14.02 -10.41
N THR A 172 7.61 14.01 -9.17
CA THR A 172 6.93 13.37 -8.10
C THR A 172 5.96 14.33 -7.50
N GLY A 173 6.23 15.63 -7.61
CA GLY A 173 5.46 16.60 -6.81
C GLY A 173 6.03 16.76 -5.40
N LYS A 174 7.12 16.05 -5.07
CA LYS A 174 7.70 16.03 -3.72
C LYS A 174 9.06 16.75 -3.63
N VAL A 175 9.50 17.38 -4.71
CA VAL A 175 10.73 18.15 -4.70
C VAL A 175 10.30 19.53 -5.13
N ALA A 176 11.23 20.48 -5.09
CA ALA A 176 10.94 21.91 -5.35
C ALA A 176 10.42 22.17 -6.77
N VAL A 177 11.11 21.60 -7.78
CA VAL A 177 10.79 21.91 -9.15
C VAL A 177 10.02 20.74 -9.77
N GLY A 178 8.79 21.04 -10.20
CA GLY A 178 8.03 20.10 -11.05
C GLY A 178 8.28 20.48 -12.51
N ALA A 179 7.41 20.01 -13.38
CA ALA A 179 7.30 20.39 -14.78
C ALA A 179 7.68 21.82 -15.12
N THR A 180 8.42 21.98 -16.23
CA THR A 180 8.52 23.30 -16.88
C THR A 180 8.22 23.09 -18.34
N PRO A 181 7.82 24.16 -19.05
CA PRO A 181 7.50 24.09 -20.49
C PRO A 181 8.68 23.42 -21.13
N GLU A 182 9.86 23.73 -20.63
CA GLU A 182 11.09 23.19 -21.19
C GLU A 182 11.33 21.69 -20.94
N SER A 183 11.11 21.18 -19.71
CA SER A 183 11.22 19.70 -19.46
C SER A 183 10.16 19.01 -20.20
N ALA A 184 9.03 19.67 -20.30
CA ALA A 184 7.94 18.94 -20.91
C ALA A 184 8.26 18.79 -22.38
N ARG A 185 8.76 19.88 -22.99
CA ARG A 185 9.13 19.79 -24.39
C ARG A 185 10.24 18.83 -24.58
N ILE A 186 11.24 18.88 -23.69
CA ILE A 186 12.38 17.96 -23.90
C ILE A 186 11.84 16.51 -23.91
N MET A 187 10.92 16.22 -22.99
CA MET A 187 10.48 14.82 -22.84
C MET A 187 9.61 14.31 -24.07
N MET A 188 8.61 15.08 -24.47
CA MET A 188 7.87 14.90 -25.67
C MET A 188 8.73 14.84 -26.94
N GLU A 189 9.72 15.69 -27.04
CA GLU A 189 10.72 15.54 -28.10
C GLU A 189 11.36 14.16 -28.16
N VAL A 190 11.69 13.56 -26.98
CA VAL A 190 12.19 12.20 -26.94
C VAL A 190 11.16 11.19 -27.49
N ILE A 191 9.88 11.39 -27.19
CA ILE A 191 8.80 10.52 -27.73
C ILE A 191 8.85 10.64 -29.25
N ARG A 192 8.93 11.86 -29.73
CA ARG A 192 8.94 12.14 -31.18
C ARG A 192 10.21 11.58 -31.77
N ASP A 193 11.36 11.97 -31.21
CA ASP A 193 12.68 11.45 -31.65
C ASP A 193 12.75 9.93 -31.64
N MET A 194 11.99 9.21 -30.80
CA MET A 194 12.10 7.71 -30.91
C MET A 194 11.01 7.13 -31.75
N GLY A 195 10.11 7.99 -32.19
CA GLY A 195 9.02 7.50 -33.02
C GLY A 195 7.99 6.73 -32.20
N VAL A 196 7.87 7.00 -30.89
CA VAL A 196 7.01 6.14 -30.07
C VAL A 196 5.68 6.77 -29.69
N GLU A 197 5.27 7.87 -30.34
CA GLU A 197 4.00 8.53 -30.01
C GLU A 197 2.81 7.62 -29.79
N LYS A 198 2.77 6.47 -30.46
CA LYS A 198 1.63 5.58 -30.33
C LYS A 198 1.65 4.81 -28.96
N THR A 199 2.84 4.53 -28.42
CA THR A 199 2.93 3.69 -27.23
C THR A 199 3.38 4.43 -25.96
N VAL A 200 3.71 5.72 -26.04
CA VAL A 200 4.22 6.41 -24.89
C VAL A 200 3.52 7.75 -24.76
N GLY A 201 2.98 8.02 -23.57
CA GLY A 201 2.23 9.24 -23.33
C GLY A 201 3.06 10.07 -22.39
N PHE A 202 2.59 11.26 -22.05
CA PHE A 202 3.34 12.15 -21.30
C PHE A 202 2.45 12.76 -20.20
N ILE A 203 3.11 13.17 -19.09
CA ILE A 203 2.44 13.72 -17.92
C ILE A 203 3.27 14.72 -17.16
N PRO A 204 2.98 15.99 -17.33
CA PRO A 204 3.59 17.00 -16.46
C PRO A 204 2.98 16.91 -15.07
N VAL A 205 3.86 16.96 -14.07
CA VAL A 205 3.41 17.06 -12.67
C VAL A 205 4.06 18.34 -12.14
N GLY A 206 3.25 19.21 -11.53
CA GLY A 206 3.75 20.51 -11.02
C GLY A 206 3.67 21.47 -12.19
N GLY A 207 3.93 22.77 -11.99
CA GLY A 207 3.94 23.73 -13.16
C GLY A 207 2.64 24.06 -13.91
N VAL A 208 1.56 23.27 -13.76
CA VAL A 208 0.25 23.66 -14.33
C VAL A 208 -0.73 24.10 -13.23
N ARG A 209 -1.03 25.41 -13.16
CA ARG A 209 -1.78 25.95 -11.99
C ARG A 209 -3.03 26.66 -12.40
N THR A 210 -3.08 27.04 -13.67
CA THR A 210 -4.19 27.77 -14.19
C THR A 210 -4.69 27.14 -15.48
N ALA A 211 -5.92 27.50 -15.79
CA ALA A 211 -6.54 27.16 -17.08
C ALA A 211 -5.64 27.52 -18.31
N GLU A 212 -5.00 28.68 -18.22
CA GLU A 212 -4.03 29.18 -19.21
C GLU A 212 -2.75 28.34 -19.26
N ASP A 213 -2.23 27.91 -18.09
CA ASP A 213 -1.12 26.93 -18.08
C ASP A 213 -1.50 25.68 -18.88
N ALA A 214 -2.58 25.03 -18.49
CA ALA A 214 -2.96 23.80 -19.12
C ALA A 214 -3.07 24.01 -20.60
N GLN A 215 -3.63 25.15 -21.01
CA GLN A 215 -3.86 25.46 -22.41
C GLN A 215 -2.49 25.52 -23.11
N LYS A 216 -1.49 26.05 -22.41
CA LYS A 216 -0.16 26.18 -22.97
C LYS A 216 0.48 24.82 -23.17
N TYR A 217 0.31 23.94 -22.18
CA TYR A 217 0.96 22.67 -22.20
C TYR A 217 0.35 21.80 -23.23
N LEU A 218 -0.95 21.86 -23.38
CA LEU A 218 -1.60 21.04 -24.40
C LEU A 218 -1.19 21.52 -25.80
N ALA A 219 -1.01 22.84 -25.99
CA ALA A 219 -0.72 23.35 -27.34
C ALA A 219 0.73 22.98 -27.76
N ILE A 220 1.56 22.70 -26.78
CA ILE A 220 2.88 22.13 -27.05
C ILE A 220 2.76 20.71 -27.61
N ALA A 221 1.83 19.91 -27.07
CA ALA A 221 1.66 18.53 -27.55
C ALA A 221 1.04 18.57 -28.93
N ASP A 222 0.07 19.46 -29.07
CA ASP A 222 -0.68 19.64 -30.32
C ASP A 222 0.27 20.08 -31.45
N GLU A 223 1.14 21.04 -31.19
CA GLU A 223 2.10 21.42 -32.22
C GLU A 223 3.09 20.28 -32.53
N LEU A 224 3.48 19.46 -31.51
CA LEU A 224 4.48 18.44 -31.81
C LEU A 224 3.88 17.25 -32.56
N PHE A 225 2.66 16.89 -32.20
CA PHE A 225 2.16 15.65 -32.69
C PHE A 225 0.84 15.80 -33.40
N GLY A 226 0.30 17.02 -33.49
CA GLY A 226 -1.06 17.20 -34.07
C GLY A 226 -2.05 17.25 -32.91
N ALA A 227 -3.26 17.77 -33.18
CA ALA A 227 -4.24 18.00 -32.09
C ALA A 227 -4.95 16.73 -31.54
N ASP A 228 -4.86 15.64 -32.29
CA ASP A 228 -5.53 14.39 -31.94
C ASP A 228 -4.69 13.54 -30.98
N TRP A 229 -3.43 13.91 -30.78
CA TRP A 229 -2.54 12.99 -30.08
C TRP A 229 -2.91 12.94 -28.59
N ALA A 230 -2.98 14.09 -27.95
CA ALA A 230 -3.17 14.15 -26.51
C ALA A 230 -4.59 13.69 -26.09
N ASP A 231 -4.95 12.44 -26.37
CA ASP A 231 -6.12 11.83 -25.78
C ASP A 231 -5.77 11.33 -24.35
N ALA A 232 -6.75 10.80 -23.62
CA ALA A 232 -6.48 10.51 -22.16
C ALA A 232 -5.35 9.46 -21.95
N ARG A 233 -5.22 8.49 -22.86
CA ARG A 233 -4.12 7.51 -22.88
C ARG A 233 -2.73 8.19 -23.00
N HIS A 234 -2.66 9.31 -23.72
CA HIS A 234 -1.31 9.91 -24.11
C HIS A 234 -0.97 11.18 -23.34
N TYR A 235 -1.92 11.73 -22.61
CA TYR A 235 -1.64 12.99 -21.93
C TYR A 235 -2.49 13.03 -20.64
N ALA A 236 -1.86 13.45 -19.55
CA ALA A 236 -2.54 13.67 -18.29
C ALA A 236 -1.93 14.89 -17.55
N PHE A 237 -2.70 15.56 -16.73
CA PHE A 237 -2.17 16.62 -15.89
C PHE A 237 -2.14 16.04 -14.53
N GLY A 238 -0.95 15.81 -14.01
CA GLY A 238 -0.87 15.28 -12.65
C GLY A 238 -1.02 16.48 -11.76
N ALA A 239 -2.22 16.74 -11.27
CA ALA A 239 -2.35 17.91 -10.41
C ALA A 239 -3.44 17.78 -9.39
N SER A 240 -3.59 18.89 -8.69
CA SER A 240 -4.40 18.94 -7.53
C SER A 240 -5.61 19.84 -7.68
N ALA A 241 -6.32 19.94 -6.55
CA ALA A 241 -7.60 20.64 -6.45
C ALA A 241 -7.61 22.02 -7.10
N SER A 242 -6.50 22.75 -6.99
CA SER A 242 -6.43 24.15 -7.46
C SER A 242 -6.32 24.30 -8.99
N LEU A 243 -5.59 23.41 -9.66
CA LEU A 243 -5.72 23.46 -11.08
C LEU A 243 -7.18 23.22 -11.43
N LEU A 244 -7.76 22.16 -10.83
CA LEU A 244 -9.14 21.75 -11.13
C LEU A 244 -10.14 22.92 -10.93
N ALA A 245 -9.93 23.69 -9.86
CA ALA A 245 -10.80 24.86 -9.58
C ALA A 245 -10.58 26.00 -10.56
N SER A 246 -9.36 26.14 -11.07
CA SER A 246 -9.10 27.15 -12.11
C SER A 246 -9.80 26.74 -13.42
N LEU A 247 -9.74 25.43 -13.72
CA LEU A 247 -10.33 24.91 -14.90
C LEU A 247 -11.82 25.18 -14.89
N LEU A 248 -12.42 24.86 -13.76
CA LEU A 248 -13.82 24.98 -13.57
C LEU A 248 -14.22 26.47 -13.56
N LYS A 249 -13.42 27.33 -12.91
CA LYS A 249 -13.64 28.80 -12.96
C LYS A 249 -13.70 29.33 -14.40
N ALA A 250 -12.78 28.89 -15.27
CA ALA A 250 -12.77 29.38 -16.65
C ALA A 250 -13.96 28.79 -17.45
N LEU A 251 -14.61 27.77 -16.89
CA LEU A 251 -15.79 27.20 -17.54
C LEU A 251 -17.09 27.81 -16.97
N GLY A 252 -16.98 28.83 -16.14
CA GLY A 252 -18.14 29.31 -15.38
C GLY A 252 -18.33 28.37 -14.18
N THR B 27 6.96 5.40 9.70
CA THR B 27 8.08 5.89 8.85
C THR B 27 9.10 4.80 8.54
N ASP B 28 9.88 5.03 7.48
CA ASP B 28 10.96 4.14 7.09
C ASP B 28 11.97 4.11 8.23
N GLU B 29 12.32 5.29 8.71
CA GLU B 29 13.25 5.46 9.81
C GLU B 29 12.85 4.60 11.03
N ASN B 30 11.60 4.69 11.45
CA ASN B 30 11.22 3.92 12.62
C ASN B 30 11.11 2.36 12.37
N VAL B 31 10.93 1.96 11.10
CA VAL B 31 10.86 0.53 10.79
C VAL B 31 12.26 -0.04 10.73
N ILE B 32 13.22 0.80 10.29
CA ILE B 32 14.55 0.35 10.19
C ILE B 32 14.99 0.10 11.64
N ALA B 33 14.89 1.09 12.52
CA ALA B 33 15.24 0.91 13.93
C ALA B 33 14.56 -0.30 14.59
N LEU B 34 13.28 -0.42 14.32
CA LEU B 34 12.51 -1.55 14.81
C LEU B 34 13.21 -2.84 14.44
N CYS B 35 13.75 -2.91 13.22
CA CYS B 35 14.37 -4.13 12.80
C CYS B 35 15.62 -4.35 13.67
N HIS B 36 16.31 -3.25 13.97
CA HIS B 36 17.51 -3.33 14.78
C HIS B 36 17.17 -3.76 16.22
N GLN B 37 16.15 -3.12 16.81
CA GLN B 37 15.63 -3.47 18.16
C GLN B 37 15.33 -4.96 18.29
N ALA B 38 14.90 -5.58 17.20
CA ALA B 38 14.49 -6.99 17.22
C ALA B 38 15.67 -8.00 17.36
N LYS B 39 16.86 -7.60 16.90
CA LYS B 39 18.09 -8.39 17.05
C LYS B 39 18.77 -8.01 18.39
N THR B 40 18.61 -8.84 19.40
CA THR B 40 18.94 -8.39 20.71
C THR B 40 20.17 -9.18 21.18
N PRO B 41 20.75 -8.80 22.32
CA PRO B 41 21.92 -9.56 22.76
C PRO B 41 21.64 -10.99 23.30
N VAL B 42 20.38 -11.30 23.63
CA VAL B 42 20.03 -12.68 24.04
C VAL B 42 19.38 -13.55 22.96
N GLY B 43 19.33 -13.07 21.72
CA GLY B 43 18.58 -13.73 20.65
C GLY B 43 17.61 -12.75 19.96
N ASN B 44 16.91 -13.24 18.98
CA ASN B 44 16.01 -12.41 18.17
C ASN B 44 14.55 -12.60 18.48
N THR B 45 13.74 -11.53 18.42
CA THR B 45 12.29 -11.74 18.49
C THR B 45 12.01 -12.60 17.27
N ASP B 46 10.92 -13.36 17.30
CA ASP B 46 10.58 -14.24 16.20
C ASP B 46 10.15 -13.43 14.96
N ALA B 47 9.56 -12.27 15.19
CA ALA B 47 9.05 -11.44 14.07
C ALA B 47 9.01 -10.00 14.44
N ILE B 48 8.68 -9.17 13.44
CA ILE B 48 8.23 -7.82 13.64
C ILE B 48 6.81 -7.71 13.03
N PHE B 49 6.09 -6.63 13.36
CA PHE B 49 4.67 -6.45 12.94
C PHE B 49 4.58 -5.05 12.46
N ILE B 50 4.21 -4.84 11.17
CA ILE B 50 4.36 -3.49 10.59
C ILE B 50 3.31 -3.28 9.49
N TYR B 51 3.08 -2.04 9.09
CA TYR B 51 2.07 -1.80 8.03
C TYR B 51 2.59 -2.37 6.73
N PRO B 52 1.65 -2.88 5.86
CA PRO B 52 2.23 -3.58 4.72
C PRO B 52 3.27 -2.76 3.90
N ARG B 53 3.14 -1.42 3.80
CA ARG B 53 4.00 -0.72 2.86
C ARG B 53 5.45 -0.84 3.29
N PHE B 54 5.67 -1.26 4.54
CA PHE B 54 7.05 -1.23 4.99
C PHE B 54 7.72 -2.61 4.83
N ILE B 55 6.98 -3.56 4.30
CA ILE B 55 7.56 -4.93 4.25
C ILE B 55 8.93 -4.94 3.47
N PRO B 56 9.01 -4.31 2.27
CA PRO B 56 10.25 -4.46 1.46
C PRO B 56 11.49 -3.89 2.13
N ILE B 57 11.41 -2.65 2.64
CA ILE B 57 12.50 -2.07 3.36
C ILE B 57 12.82 -2.94 4.61
N ALA B 58 11.82 -3.43 5.37
CA ALA B 58 12.17 -4.17 6.57
C ALA B 58 12.86 -5.44 6.18
N ARG B 59 12.31 -6.17 5.22
CA ARG B 59 13.06 -7.32 4.72
C ARG B 59 14.49 -6.90 4.33
N LYS B 60 14.68 -5.75 3.68
CA LYS B 60 16.07 -5.40 3.34
C LYS B 60 16.89 -5.28 4.63
N THR B 61 16.32 -4.59 5.60
CA THR B 61 17.04 -4.28 6.82
C THR B 61 17.46 -5.51 7.67
N LEU B 62 16.57 -6.49 7.72
CA LEU B 62 16.74 -7.74 8.47
C LEU B 62 17.84 -8.55 7.85
N LYS B 63 17.81 -8.68 6.54
CA LYS B 63 18.87 -9.38 5.81
C LYS B 63 20.26 -8.75 6.00
N GLU B 64 20.35 -7.44 5.90
CA GLU B 64 21.62 -6.71 6.05
C GLU B 64 22.25 -6.91 7.41
N GLN B 65 21.42 -6.96 8.47
CA GLN B 65 21.90 -7.19 9.83
C GLN B 65 22.14 -8.67 10.09
N GLY B 66 21.93 -9.50 9.06
CA GLY B 66 22.13 -10.93 9.18
C GLY B 66 21.04 -11.61 10.03
N THR B 67 19.80 -11.07 10.03
CA THR B 67 18.72 -11.82 10.70
C THR B 67 17.63 -12.09 9.71
N PRO B 68 17.90 -12.98 8.70
CA PRO B 68 16.90 -13.18 7.64
C PRO B 68 15.72 -13.98 8.15
N GLU B 69 15.88 -14.60 9.33
CA GLU B 69 14.87 -15.53 9.85
C GLU B 69 13.71 -14.92 10.65
N ILE B 70 13.92 -13.70 11.17
CA ILE B 70 12.88 -12.83 11.80
C ILE B 70 11.79 -12.56 10.78
N ARG B 71 10.59 -13.10 11.07
CA ARG B 71 9.52 -13.08 10.12
C ARG B 71 8.88 -11.71 10.08
N ILE B 72 8.02 -11.44 9.10
CA ILE B 72 7.44 -10.09 9.09
C ILE B 72 5.94 -10.28 9.05
N CYS B 73 5.24 -9.74 10.03
CA CYS B 73 3.85 -9.97 10.11
C CYS B 73 3.22 -8.64 9.74
N THR B 74 2.03 -8.66 9.13
CA THR B 74 1.31 -7.39 8.85
C THR B 74 -0.21 -7.47 9.13
N SER B 75 -0.95 -6.42 8.85
CA SER B 75 -2.37 -6.50 9.07
C SER B 75 -3.07 -5.90 7.88
N THR B 76 -4.33 -6.32 7.68
CA THR B 76 -5.26 -5.85 6.69
C THR B 76 -6.64 -5.76 7.36
N ASN B 77 -7.63 -5.19 6.66
CA ASN B 77 -8.93 -4.82 7.28
C ASN B 77 -8.78 -4.08 8.63
N PHE B 78 -7.70 -3.33 8.71
CA PHE B 78 -7.14 -2.93 9.99
C PHE B 78 -7.10 -1.40 10.05
N PRO B 79 -7.37 -0.84 11.23
CA PRO B 79 -7.73 -1.46 12.46
C PRO B 79 -9.26 -1.64 12.68
N HIS B 80 -10.10 -1.16 11.76
CA HIS B 80 -11.54 -1.02 12.05
C HIS B 80 -12.37 -2.25 11.92
N GLY B 81 -11.90 -3.24 11.17
CA GLY B 81 -12.64 -4.48 11.07
C GLY B 81 -13.97 -4.27 10.35
N ASN B 82 -13.98 -3.49 9.24
CA ASN B 82 -15.18 -3.28 8.45
C ASN B 82 -15.67 -4.59 7.80
N ASP B 83 -16.97 -4.64 7.49
CA ASP B 83 -17.55 -5.86 6.91
C ASP B 83 -17.43 -6.05 5.38
N ASP B 84 -16.60 -5.24 4.76
CA ASP B 84 -16.42 -5.36 3.28
C ASP B 84 -15.37 -6.40 2.84
N ILE B 85 -15.83 -7.51 2.28
CA ILE B 85 -14.97 -8.59 1.92
C ILE B 85 -13.96 -8.18 0.84
N ASP B 86 -14.43 -7.51 -0.21
CA ASP B 86 -13.58 -7.18 -1.39
C ASP B 86 -12.37 -6.36 -0.95
N ILE B 87 -12.58 -5.33 -0.13
CA ILE B 87 -11.55 -4.50 0.41
C ILE B 87 -10.56 -5.33 1.25
N ALA B 88 -11.09 -6.17 2.16
CA ALA B 88 -10.19 -6.92 3.07
C ALA B 88 -9.34 -7.90 2.30
N LEU B 89 -9.94 -8.46 1.27
CA LEU B 89 -9.26 -9.41 0.42
C LEU B 89 -8.21 -8.76 -0.48
N ALA B 90 -8.54 -7.59 -0.98
CA ALA B 90 -7.59 -6.84 -1.80
C ALA B 90 -6.46 -6.35 -0.92
N GLU B 91 -6.74 -6.01 0.34
CA GLU B 91 -5.64 -5.54 1.19
C GLU B 91 -4.72 -6.72 1.54
N THR B 92 -5.35 -7.85 1.78
CA THR B 92 -4.67 -9.10 1.96
C THR B 92 -3.85 -9.54 0.71
N ARG B 93 -4.33 -9.37 -0.53
CA ARG B 93 -3.47 -9.80 -1.72
C ARG B 93 -2.16 -8.96 -1.88
N ALA B 94 -2.29 -7.66 -1.66
CA ALA B 94 -1.23 -6.67 -1.60
C ALA B 94 -0.23 -6.94 -0.51
N ALA B 95 -0.76 -7.23 0.67
CA ALA B 95 0.08 -7.58 1.78
C ALA B 95 0.91 -8.81 1.38
N ILE B 96 0.33 -9.74 0.66
CA ILE B 96 1.07 -10.94 0.30
C ILE B 96 2.16 -10.56 -0.72
N ALA B 97 1.77 -9.71 -1.70
CA ALA B 97 2.64 -9.37 -2.79
C ALA B 97 3.78 -8.50 -2.30
N TYR B 98 3.58 -7.77 -1.20
CA TYR B 98 4.65 -7.06 -0.54
C TYR B 98 5.71 -7.99 0.08
N GLY B 99 5.43 -9.31 0.23
CA GLY B 99 6.39 -10.26 0.85
C GLY B 99 6.14 -10.56 2.37
N ALA B 100 4.89 -10.50 2.83
CA ALA B 100 4.56 -10.83 4.23
C ALA B 100 4.73 -12.30 4.53
N ASP B 101 5.28 -12.63 5.71
CA ASP B 101 5.17 -14.04 6.15
C ASP B 101 3.79 -14.36 6.68
N SER B 102 3.10 -13.35 7.15
CA SER B 102 1.82 -13.55 7.86
C SER B 102 1.02 -12.26 7.79
N VAL B 103 -0.26 -12.38 7.51
CA VAL B 103 -1.20 -11.28 7.55
C VAL B 103 -2.19 -11.51 8.69
N ALA B 104 -2.32 -10.55 9.59
CA ALA B 104 -3.46 -10.54 10.51
C ALA B 104 -4.73 -9.73 10.01
N VAL B 105 -5.79 -10.40 9.57
CA VAL B 105 -7.00 -9.67 9.17
C VAL B 105 -7.88 -9.38 10.38
N VAL B 106 -8.47 -8.20 10.44
CA VAL B 106 -9.40 -7.91 11.53
C VAL B 106 -10.77 -8.47 11.17
N PHE B 107 -11.24 -9.42 12.00
CA PHE B 107 -12.60 -9.86 12.01
C PHE B 107 -13.62 -8.71 11.98
N PRO B 108 -14.68 -8.88 11.18
CA PRO B 108 -15.77 -7.90 11.15
C PRO B 108 -16.65 -8.08 12.44
N TYR B 109 -16.19 -7.48 13.54
CA TYR B 109 -16.71 -7.78 14.86
C TYR B 109 -18.00 -7.00 15.22
N ARG B 110 -18.19 -5.81 14.65
CA ARG B 110 -19.42 -5.03 14.80
C ARG B 110 -20.54 -5.73 14.06
N ALA B 111 -20.22 -6.29 12.89
CA ALA B 111 -21.12 -7.19 12.17
C ALA B 111 -21.63 -8.32 13.06
N LEU B 112 -20.70 -8.96 13.76
CA LEU B 112 -21.05 -10.06 14.65
C LEU B 112 -21.94 -9.56 15.79
N MET B 113 -21.61 -8.43 16.42
CA MET B 113 -22.48 -7.86 17.48
C MET B 113 -23.87 -7.43 16.99
N ALA B 114 -23.98 -7.08 15.71
CA ALA B 114 -25.28 -6.88 15.05
C ALA B 114 -25.95 -8.18 14.58
N GLY B 115 -25.41 -9.33 14.90
CA GLY B 115 -26.08 -10.58 14.54
C GLY B 115 -25.67 -11.23 13.23
N ASN B 116 -24.77 -10.59 12.48
CA ASN B 116 -24.28 -11.23 11.27
C ASN B 116 -22.98 -12.03 11.49
N GLU B 117 -23.19 -13.34 11.66
CA GLU B 117 -22.16 -14.33 11.83
C GLU B 117 -21.55 -14.67 10.50
N GLN B 118 -22.35 -14.53 9.44
CA GLN B 118 -21.97 -15.02 8.10
C GLN B 118 -20.78 -14.26 7.44
N VAL B 119 -20.87 -12.94 7.46
CA VAL B 119 -19.86 -12.09 6.86
C VAL B 119 -18.41 -12.39 7.43
N GLY B 120 -18.29 -12.56 8.74
CA GLY B 120 -16.99 -12.90 9.35
C GLY B 120 -16.51 -14.22 8.81
N PHE B 121 -17.42 -15.16 8.65
CA PHE B 121 -16.98 -16.44 8.18
C PHE B 121 -16.42 -16.28 6.75
N ASP B 122 -17.21 -15.64 5.90
CA ASP B 122 -16.88 -15.47 4.50
C ASP B 122 -15.59 -14.61 4.33
N LEU B 123 -15.38 -13.61 5.19
CA LEU B 123 -14.29 -12.69 4.97
C LEU B 123 -12.98 -13.41 5.36
N VAL B 124 -12.95 -14.06 6.50
CA VAL B 124 -11.81 -14.86 6.86
C VAL B 124 -11.54 -15.92 5.82
N LYS B 125 -12.58 -16.65 5.41
CA LYS B 125 -12.37 -17.70 4.43
C LYS B 125 -11.73 -17.14 3.18
N ALA B 126 -12.21 -15.98 2.75
CA ALA B 126 -11.65 -15.43 1.52
C ALA B 126 -10.15 -15.00 1.71
N CYS B 127 -9.80 -14.38 2.83
CA CYS B 127 -8.42 -14.02 3.06
C CYS B 127 -7.56 -15.22 3.36
N LYS B 128 -8.09 -16.23 4.07
CA LYS B 128 -7.36 -17.50 4.20
C LYS B 128 -7.01 -18.22 2.86
N GLU B 129 -7.96 -18.35 1.95
CA GLU B 129 -7.67 -18.88 0.58
C GLU B 129 -6.47 -18.14 -0.08
N ALA B 130 -6.50 -16.82 -0.16
CA ALA B 130 -5.35 -16.11 -0.75
C ALA B 130 -4.04 -16.39 -0.01
N CYS B 131 -4.03 -16.23 1.32
CA CYS B 131 -2.81 -16.50 2.10
C CYS B 131 -2.28 -17.93 1.93
N ALA B 132 -3.17 -18.93 2.00
CA ALA B 132 -2.72 -20.34 1.92
C ALA B 132 -2.05 -20.62 0.57
N ALA B 133 -2.68 -20.14 -0.52
CA ALA B 133 -2.12 -20.30 -1.91
C ALA B 133 -0.69 -19.74 -2.03
N ALA B 134 -0.39 -18.74 -1.22
CA ALA B 134 0.93 -18.14 -1.19
C ALA B 134 1.79 -18.58 -0.01
N ASN B 135 1.39 -19.65 0.69
CA ASN B 135 2.09 -20.20 1.88
C ASN B 135 2.43 -19.10 2.86
N VAL B 136 1.44 -18.25 3.06
CA VAL B 136 1.44 -17.14 4.02
C VAL B 136 0.40 -17.45 5.08
N LEU B 137 0.78 -17.32 6.34
CA LEU B 137 -0.15 -17.61 7.47
C LEU B 137 -1.19 -16.49 7.57
N LEU B 138 -2.44 -16.84 7.95
CA LEU B 138 -3.47 -15.86 8.21
C LEU B 138 -3.88 -15.85 9.66
N ALA B 139 -3.56 -14.72 10.32
CA ALA B 139 -4.04 -14.51 11.68
C ALA B 139 -5.36 -13.73 11.60
N VAL B 140 -6.26 -13.96 12.57
CA VAL B 140 -7.57 -13.30 12.60
C VAL B 140 -7.69 -12.60 13.93
N ILE B 141 -7.69 -11.27 13.88
CA ILE B 141 -7.82 -10.42 15.02
C ILE B 141 -9.36 -10.21 15.33
N ILE B 142 -9.81 -10.65 16.50
CA ILE B 142 -11.20 -10.54 16.78
C ILE B 142 -11.54 -9.29 17.59
N GLU B 143 -10.58 -8.60 18.19
CA GLU B 143 -10.87 -7.41 19.04
C GLU B 143 -11.76 -7.65 20.27
N THR B 144 -11.22 -8.36 21.26
CA THR B 144 -11.95 -8.79 22.44
C THR B 144 -12.27 -7.61 23.36
N GLY B 145 -11.47 -6.55 23.33
CA GLY B 145 -11.81 -5.40 24.16
C GLY B 145 -13.08 -4.72 23.63
N GLU B 146 -13.63 -5.21 22.51
CA GLU B 146 -14.85 -4.57 21.95
C GLU B 146 -16.00 -5.55 21.98
N LEU B 147 -15.72 -6.83 21.72
CA LEU B 147 -16.73 -7.85 21.84
C LEU B 147 -17.21 -7.91 23.27
N LYS B 148 -16.30 -7.63 24.24
CA LYS B 148 -16.66 -7.61 25.69
C LYS B 148 -17.17 -8.97 26.28
N ASP B 149 -18.33 -9.44 25.85
CA ASP B 149 -19.01 -10.62 26.39
C ASP B 149 -18.25 -11.90 26.10
N GLU B 150 -18.19 -12.82 27.06
CA GLU B 150 -17.63 -14.16 26.82
C GLU B 150 -18.16 -14.90 25.62
N ALA B 151 -19.49 -14.90 25.42
CA ALA B 151 -20.02 -15.75 24.36
C ALA B 151 -19.71 -15.16 22.96
N LEU B 152 -19.56 -13.87 22.88
CA LEU B 152 -19.24 -13.22 21.60
C LEU B 152 -17.75 -13.45 21.27
N ILE B 153 -16.93 -13.42 22.33
CA ILE B 153 -15.50 -13.74 22.21
C ILE B 153 -15.38 -15.15 21.74
N ARG B 154 -16.04 -16.12 22.38
CA ARG B 154 -16.05 -17.52 21.88
C ARG B 154 -16.56 -17.66 20.46
N LYS B 155 -17.72 -17.03 20.21
CA LYS B 155 -18.36 -17.04 18.87
C LYS B 155 -17.37 -16.57 17.79
N ALA B 156 -16.76 -15.40 17.97
CA ALA B 156 -15.80 -14.82 16.95
C ALA B 156 -14.58 -15.76 16.72
N SER B 157 -14.04 -16.30 17.82
CA SER B 157 -12.99 -17.32 17.75
C SER B 157 -13.39 -18.56 16.95
N GLU B 158 -14.61 -18.98 17.14
CA GLU B 158 -15.00 -20.22 16.52
C GLU B 158 -15.26 -20.05 15.03
N ILE B 159 -16.01 -19.02 14.68
CA ILE B 159 -16.21 -18.66 13.27
C ILE B 159 -14.84 -18.58 12.54
N SER B 160 -13.93 -17.80 13.12
CA SER B 160 -12.59 -17.61 12.55
C SER B 160 -11.92 -18.92 12.32
N ILE B 161 -11.97 -19.76 13.35
CA ILE B 161 -11.36 -21.05 13.23
C ILE B 161 -12.04 -21.84 12.14
N LYS B 162 -13.36 -21.98 12.17
CA LYS B 162 -14.04 -22.76 11.14
C LYS B 162 -13.71 -22.23 9.76
N ALA B 163 -13.50 -20.92 9.70
CA ALA B 163 -13.31 -20.22 8.44
C ALA B 163 -11.85 -20.26 7.96
N GLY B 164 -10.98 -20.88 8.76
CA GLY B 164 -9.60 -21.27 8.34
C GLY B 164 -8.46 -20.51 9.02
N ALA B 165 -8.75 -19.74 10.09
CA ALA B 165 -7.69 -19.00 10.82
C ALA B 165 -6.49 -19.92 11.11
N ASP B 166 -5.28 -19.40 10.97
CA ASP B 166 -4.09 -20.15 11.35
C ASP B 166 -3.72 -19.78 12.75
N ASN B 167 -4.04 -18.52 13.13
CA ASN B 167 -3.88 -18.01 14.44
C ASN B 167 -5.13 -17.18 14.80
N ILE B 168 -5.41 -17.08 16.12
CA ILE B 168 -6.37 -16.06 16.56
C ILE B 168 -5.77 -15.09 17.54
N VAL B 169 -6.22 -13.83 17.49
CA VAL B 169 -5.49 -12.76 18.09
C VAL B 169 -6.45 -11.90 18.82
N THR B 170 -6.08 -11.49 20.03
CA THR B 170 -7.06 -10.76 20.82
C THR B 170 -7.41 -9.40 20.21
N SER B 171 -6.43 -8.58 19.85
CA SER B 171 -6.69 -7.19 19.59
C SER B 171 -5.83 -6.57 18.49
N THR B 172 -6.25 -5.38 18.05
CA THR B 172 -5.46 -4.66 17.09
C THR B 172 -4.48 -3.79 17.80
N GLY B 173 -4.64 -3.58 19.09
CA GLY B 173 -3.80 -2.55 19.76
C GLY B 173 -4.22 -1.13 19.46
N LYS B 174 -5.37 -0.97 18.78
CA LYS B 174 -5.80 0.35 18.40
C LYS B 174 -7.03 0.83 19.16
N VAL B 175 -7.55 0.01 20.08
CA VAL B 175 -8.71 0.47 20.85
C VAL B 175 -8.30 0.55 22.25
N ALA B 176 -9.28 0.78 23.10
CA ALA B 176 -8.98 1.08 24.49
C ALA B 176 -8.51 -0.17 25.21
N VAL B 177 -9.13 -1.32 24.93
CA VAL B 177 -8.78 -2.46 25.76
C VAL B 177 -8.14 -3.47 24.88
N GLY B 178 -6.96 -3.94 25.31
CA GLY B 178 -6.31 -5.07 24.68
C GLY B 178 -6.65 -6.43 25.32
N ALA B 179 -5.68 -7.36 25.27
CA ALA B 179 -5.72 -8.67 25.92
C ALA B 179 -5.88 -8.60 27.48
N THR B 180 -6.65 -9.55 28.05
CA THR B 180 -6.67 -9.73 29.53
C THR B 180 -6.42 -11.21 29.73
N PRO B 181 -6.04 -11.62 30.95
CA PRO B 181 -5.80 -13.08 31.11
C PRO B 181 -7.08 -13.86 30.85
N GLU B 182 -8.21 -13.24 31.20
CA GLU B 182 -9.54 -13.84 30.95
C GLU B 182 -9.89 -13.97 29.49
N SER B 183 -9.78 -12.89 28.73
CA SER B 183 -9.93 -13.09 27.26
C SER B 183 -8.93 -14.08 26.65
N ALA B 184 -7.68 -14.06 27.08
CA ALA B 184 -6.78 -15.07 26.57
C ALA B 184 -7.27 -16.45 26.88
N ARG B 185 -7.68 -16.67 28.12
CA ARG B 185 -8.12 -18.00 28.56
C ARG B 185 -9.27 -18.37 27.68
N ILE B 186 -10.20 -17.45 27.51
CA ILE B 186 -11.38 -17.84 26.72
C ILE B 186 -10.99 -18.29 25.31
N MET B 187 -10.10 -17.53 24.67
CA MET B 187 -9.74 -17.85 23.30
C MET B 187 -8.94 -19.13 23.20
N MET B 188 -7.99 -19.33 24.13
CA MET B 188 -7.26 -20.60 24.17
C MET B 188 -8.16 -21.83 24.41
N GLU B 189 -9.21 -21.65 25.20
CA GLU B 189 -10.12 -22.69 25.52
C GLU B 189 -10.96 -23.08 24.32
N VAL B 190 -11.21 -22.14 23.41
CA VAL B 190 -11.85 -22.48 22.16
C VAL B 190 -10.96 -23.41 21.34
N ILE B 191 -9.70 -23.01 21.13
CA ILE B 191 -8.71 -23.89 20.46
C ILE B 191 -8.70 -25.32 21.06
N ARG B 192 -8.62 -25.38 22.40
CA ARG B 192 -8.74 -26.62 23.11
C ARG B 192 -10.04 -27.33 22.75
N ASP B 193 -11.16 -26.69 23.08
CA ASP B 193 -12.49 -27.24 22.92
C ASP B 193 -12.67 -27.81 21.53
N MET B 194 -12.08 -27.15 20.54
CA MET B 194 -12.34 -27.49 19.17
C MET B 194 -11.38 -28.57 18.68
N GLY B 195 -10.32 -28.80 19.48
CA GLY B 195 -9.35 -29.80 19.11
C GLY B 195 -8.47 -29.38 17.92
N VAL B 196 -8.13 -28.09 17.90
CA VAL B 196 -7.43 -27.52 16.73
C VAL B 196 -6.07 -27.02 17.09
N GLU B 197 -5.54 -27.40 18.27
CA GLU B 197 -4.31 -26.87 18.85
C GLU B 197 -3.09 -27.05 17.98
N LYS B 198 -3.15 -28.08 17.16
CA LYS B 198 -2.12 -28.41 16.21
C LYS B 198 -2.14 -27.33 15.10
N THR B 199 -3.31 -26.84 14.77
CA THR B 199 -3.38 -26.02 13.57
C THR B 199 -3.69 -24.57 13.82
N VAL B 200 -3.83 -24.17 15.10
CA VAL B 200 -4.23 -22.80 15.43
C VAL B 200 -3.49 -22.30 16.62
N GLY B 201 -2.83 -21.19 16.44
CA GLY B 201 -2.13 -20.61 17.55
C GLY B 201 -2.88 -19.44 18.11
N PHE B 202 -2.28 -18.81 19.10
CA PHE B 202 -2.89 -17.71 19.81
C PHE B 202 -1.94 -16.55 19.94
N ILE B 203 -2.47 -15.31 19.97
CA ILE B 203 -1.63 -14.15 20.16
C ILE B 203 -2.30 -13.07 21.02
N PRO B 204 -1.77 -12.81 22.21
CA PRO B 204 -2.26 -11.65 22.98
C PRO B 204 -1.60 -10.39 22.42
N VAL B 205 -2.43 -9.41 22.05
CA VAL B 205 -1.98 -8.07 21.71
C VAL B 205 -2.39 -7.09 22.82
N GLY B 206 -1.44 -6.35 23.39
CA GLY B 206 -1.73 -5.45 24.52
C GLY B 206 -1.88 -6.33 25.77
N GLY B 207 -2.10 -5.71 26.93
CA GLY B 207 -2.22 -6.47 28.16
C GLY B 207 -0.92 -7.02 28.78
N VAL B 208 0.12 -7.16 27.98
CA VAL B 208 1.38 -7.81 28.43
C VAL B 208 2.46 -6.74 28.59
N ARG B 209 2.60 -6.25 29.81
CA ARG B 209 3.46 -5.05 30.01
C ARG B 209 4.81 -5.42 30.56
N THR B 210 4.87 -6.49 31.34
CA THR B 210 6.07 -6.86 32.06
C THR B 210 6.47 -8.32 31.86
N ALA B 211 7.73 -8.59 32.12
CA ALA B 211 8.25 -9.94 32.22
C ALA B 211 7.35 -10.89 33.08
N GLU B 212 6.87 -10.42 34.24
CA GLU B 212 5.90 -11.20 35.05
C GLU B 212 4.58 -11.45 34.29
N ASP B 213 4.04 -10.42 33.62
CA ASP B 213 2.84 -10.62 32.78
C ASP B 213 3.05 -11.70 31.74
N ALA B 214 4.26 -11.78 31.16
CA ALA B 214 4.47 -12.67 30.01
C ALA B 214 4.57 -14.08 30.57
N GLN B 215 5.16 -14.17 31.75
CA GLN B 215 5.23 -15.43 32.47
C GLN B 215 3.81 -15.85 32.77
N LYS B 216 2.96 -14.93 33.21
CA LYS B 216 1.56 -15.33 33.52
C LYS B 216 0.81 -15.79 32.28
N TYR B 217 0.93 -15.06 31.17
CA TYR B 217 0.22 -15.43 29.97
C TYR B 217 0.72 -16.72 29.32
N LEU B 218 2.03 -16.97 29.41
CA LEU B 218 2.60 -18.24 29.02
C LEU B 218 2.11 -19.42 29.89
N ALA B 219 2.00 -19.25 31.22
CA ALA B 219 1.53 -20.36 32.12
C ALA B 219 0.13 -20.78 31.75
N ILE B 220 -0.67 -19.83 31.28
CA ILE B 220 -2.00 -20.22 30.70
C ILE B 220 -1.90 -21.25 29.58
N ALA B 221 -1.06 -20.99 28.55
CA ALA B 221 -0.86 -22.00 27.50
C ALA B 221 -0.28 -23.33 28.03
N ASP B 222 0.75 -23.28 28.90
CA ASP B 222 1.35 -24.55 29.46
C ASP B 222 0.31 -25.39 30.27
N GLU B 223 -0.47 -24.70 31.07
CA GLU B 223 -1.59 -25.30 31.77
C GLU B 223 -2.54 -25.97 30.79
N LEU B 224 -3.00 -25.20 29.81
CA LEU B 224 -3.97 -25.76 28.89
C LEU B 224 -3.50 -26.88 27.98
N PHE B 225 -2.28 -26.73 27.43
CA PHE B 225 -1.91 -27.63 26.37
C PHE B 225 -0.70 -28.43 26.65
N GLY B 226 -0.09 -28.20 27.80
CA GLY B 226 1.19 -28.84 28.04
C GLY B 226 2.26 -27.90 27.59
N ALA B 227 3.36 -27.95 28.33
CA ALA B 227 4.42 -26.96 28.21
C ALA B 227 5.13 -26.93 26.86
N ASP B 228 4.97 -27.95 26.02
CA ASP B 228 5.61 -27.92 24.68
C ASP B 228 4.78 -27.21 23.57
N TRP B 229 3.53 -26.90 23.85
CA TRP B 229 2.72 -26.38 22.80
C TRP B 229 3.12 -25.01 22.29
N ALA B 230 3.50 -24.13 23.19
CA ALA B 230 3.70 -22.72 22.85
C ALA B 230 5.02 -22.47 22.14
N ASP B 231 5.28 -23.17 21.05
CA ASP B 231 6.40 -22.80 20.16
C ASP B 231 6.04 -21.53 19.32
N ALA B 232 7.05 -20.98 18.63
CA ALA B 232 6.92 -19.79 17.80
C ALA B 232 5.67 -19.77 16.87
N ARG B 233 5.28 -20.92 16.29
CA ARG B 233 4.10 -21.10 15.46
C ARG B 233 2.73 -20.92 16.19
N HIS B 234 2.70 -21.18 17.50
CA HIS B 234 1.42 -21.39 18.24
C HIS B 234 1.19 -20.34 19.26
N TYR B 235 2.20 -19.50 19.47
CA TYR B 235 2.10 -18.42 20.45
C TYR B 235 2.96 -17.18 20.10
N ALA B 236 2.44 -15.96 20.25
CA ALA B 236 3.25 -14.84 20.00
C ALA B 236 2.80 -13.75 20.94
N PHE B 237 3.71 -12.91 21.39
CA PHE B 237 3.32 -11.71 22.06
C PHE B 237 3.36 -10.56 21.12
N GLY B 238 2.23 -10.00 20.74
CA GLY B 238 2.28 -8.83 19.87
C GLY B 238 2.36 -7.62 20.78
N ALA B 239 3.56 -7.06 20.84
CA ALA B 239 3.87 -5.97 21.73
C ALA B 239 5.00 -5.12 21.10
N SER B 240 5.26 -3.99 21.73
CA SER B 240 6.35 -3.11 21.33
C SER B 240 7.54 -3.12 22.30
N ALA B 241 8.22 -1.98 22.31
CA ALA B 241 9.50 -1.78 22.97
C ALA B 241 9.47 -1.87 24.48
N SER B 242 8.36 -1.53 25.09
CA SER B 242 8.29 -1.58 26.55
C SER B 242 8.34 -3.00 27.12
N LEU B 243 7.54 -3.90 26.58
CA LEU B 243 7.66 -5.29 26.95
C LEU B 243 9.05 -5.86 26.64
N LEU B 244 9.61 -5.55 25.46
CA LEU B 244 10.96 -6.10 25.13
C LEU B 244 11.98 -5.67 26.13
N ALA B 245 11.98 -4.39 26.43
CA ALA B 245 12.90 -3.80 27.38
C ALA B 245 12.76 -4.51 28.74
N SER B 246 11.52 -4.75 29.14
CA SER B 246 11.24 -5.36 30.39
C SER B 246 11.63 -6.84 30.32
N LEU B 247 11.48 -7.52 29.16
CA LEU B 247 12.07 -8.90 29.04
C LEU B 247 13.62 -8.84 29.19
N LEU B 248 14.21 -7.83 28.56
CA LEU B 248 15.67 -7.73 28.53
C LEU B 248 16.18 -7.35 29.93
N LYS B 249 15.48 -6.45 30.65
CA LYS B 249 15.91 -6.05 32.01
C LYS B 249 15.80 -7.24 32.96
N ALA B 250 14.75 -8.06 32.80
CA ALA B 250 14.68 -9.33 33.51
C ALA B 250 15.93 -10.19 33.30
N LEU B 251 16.53 -10.12 32.11
CA LEU B 251 17.68 -11.00 31.81
C LEU B 251 19.09 -10.40 32.08
N GLY B 252 19.15 -9.24 32.74
CA GLY B 252 20.42 -8.52 32.95
C GLY B 252 20.83 -7.46 31.91
N HIS B 253 19.87 -6.86 31.23
CA HIS B 253 20.17 -5.97 30.12
C HIS B 253 19.26 -4.75 30.15
N1 3NY C . 0.31 12.24 -11.02
N2 3NY C . 1.43 12.14 -10.53
N3 3NY C . 2.06 11.14 -10.93
C4 3NY C . 1.43 9.32 -12.55
C5 3NY C . 0.36 8.90 -13.37
C6 3NY C . -0.83 9.66 -13.42
C7 3NY C . -0.98 10.83 -12.66
O11 3NY C . 1.66 7.00 -14.07
O21 3NY C . -0.58 7.32 -14.95
C3A 3NY C . 1.29 10.48 -11.79
C7A 3NY C . 0.09 11.23 -11.84
NO1 3NY C . 0.48 7.78 -14.11
N1 3NY D . 0.70 -6.77 17.07
N2 3NY D . -0.49 -6.45 17.03
N3 3NY D . -1.20 -7.22 16.39
C4 3NY D . -0.65 -9.33 15.13
C5 3NY D . 0.44 -10.17 14.81
C6 3NY D . 1.73 -9.85 15.28
C7 3NY D . 1.96 -8.71 16.07
O11 3NY D . -1.05 -11.60 13.56
O21 3NY D . 1.31 -12.13 13.72
C3A 3NY D . -0.43 -8.20 15.91
C7A 3NY D . 0.85 -7.89 16.37
NO1 3NY D . 0.24 -11.26 14.07
#